data_2RAS
#
_entry.id   2RAS
#
_cell.length_a   64.500
_cell.length_b   76.420
_cell.length_c   104.100
_cell.angle_alpha   90.000
_cell.angle_beta   90.000
_cell.angle_gamma   90.000
#
_symmetry.space_group_name_H-M   'P 21 21 21'
#
loop_
_entity.id
_entity.type
_entity.pdbx_description
1 polymer 'Transcriptional regulator, TetR family'
2 non-polymer 'CHLORIDE ION'
3 non-polymer 1,2-ETHANEDIOL
4 water water
#
_entity_poly.entity_id   1
_entity_poly.type   'polypeptide(L)'
_entity_poly.pdbx_seq_one_letter_code
;G(MSE)ASSGTEHDA(MSE)RARLVDVAQAIVEERGGAGLTLSELAARAGISQANLSRYFETREDL(MSE)EAIADYWFH
P(MSE)VEI(MSE)EDVLASDLPPRRK(MSE)YEFFARRFVV(MSE)RRKWEADPVKLQTYIEVGNDYFEQVRSYIDLAD
HYLGEIIGEA(MSE)SDGAFSGLEVDETISLVNQ(MSE)CAPYCALNT(MSE)TTF(MSE)ERLSEDKLARIVDAVFDGL
SAQDRGARSLTGLRAA
;
_entity_poly.pdbx_strand_id   A,B
#
# COMPACT_ATOMS: atom_id res chain seq x y z
N GLY A 6 -32.35 30.13 -1.11
CA GLY A 6 -32.43 29.46 -2.43
C GLY A 6 -31.12 28.79 -2.81
N THR A 7 -30.69 28.99 -4.07
CA THR A 7 -29.41 28.44 -4.58
C THR A 7 -28.21 29.19 -3.99
N GLU A 8 -28.35 30.52 -3.83
CA GLU A 8 -27.31 31.36 -3.20
C GLU A 8 -27.01 30.90 -1.76
N HIS A 9 -28.07 30.50 -1.03
CA HIS A 9 -27.97 29.97 0.34
C HIS A 9 -27.23 28.62 0.35
N ASP A 10 -27.64 27.71 -0.54
CA ASP A 10 -27.00 26.38 -0.68
C ASP A 10 -25.57 26.46 -1.22
N ALA A 11 -25.29 27.45 -2.06
CA ALA A 11 -23.94 27.72 -2.56
C ALA A 11 -23.05 28.20 -1.41
N ARG A 13 -23.68 27.63 1.89
CA ARG A 13 -23.56 26.50 2.83
C ARG A 13 -22.44 25.52 2.42
N ALA A 14 -22.41 25.18 1.13
CA ALA A 14 -21.34 24.35 0.57
C ALA A 14 -19.97 25.01 0.70
N ARG A 15 -19.92 26.33 0.48
CA ARG A 15 -18.67 27.09 0.62
CA ARG A 15 -18.67 27.09 0.63
C ARG A 15 -18.21 27.06 2.10
N LEU A 16 -19.16 27.18 3.03
CA LEU A 16 -18.86 27.11 4.48
C LEU A 16 -18.35 25.74 4.92
N VAL A 17 -18.96 24.68 4.40
CA VAL A 17 -18.52 23.31 4.70
C VAL A 17 -17.07 23.07 4.24
N ASP A 18 -16.74 23.66 3.08
CA ASP A 18 -15.41 23.61 2.50
C ASP A 18 -14.39 24.33 3.42
N VAL A 19 -14.74 25.50 3.94
CA VAL A 19 -13.88 26.23 4.91
C VAL A 19 -13.72 25.41 6.20
N ALA A 20 -14.82 24.81 6.66
CA ALA A 20 -14.81 23.96 7.85
C ALA A 20 -13.86 22.76 7.70
N GLN A 21 -13.89 22.07 6.54
CA GLN A 21 -12.98 20.95 6.26
C GLN A 21 -11.53 21.42 6.32
N ALA A 22 -11.26 22.58 5.75
CA ALA A 22 -9.91 23.16 5.77
C ALA A 22 -9.43 23.42 7.18
N ILE A 23 -10.29 23.94 8.07
CA ILE A 23 -9.92 24.21 9.48
C ILE A 23 -9.59 22.91 10.18
N VAL A 24 -10.43 21.90 9.99
CA VAL A 24 -10.19 20.58 10.58
C VAL A 24 -8.78 20.08 10.22
N GLU A 25 -8.44 20.14 8.93
CA GLU A 25 -7.10 19.74 8.46
C GLU A 25 -5.98 20.57 9.06
N GLU A 26 -6.18 21.88 9.13
CA GLU A 26 -5.18 22.78 9.76
C GLU A 26 -4.92 22.46 11.22
N ARG A 27 -5.99 22.17 11.95
CA ARG A 27 -5.91 21.86 13.37
C ARG A 27 -5.47 20.42 13.69
N GLY A 28 -5.31 19.59 12.67
CA GLY A 28 -4.91 18.19 12.87
C GLY A 28 -6.03 17.30 13.40
N GLY A 29 -7.28 17.69 13.15
CA GLY A 29 -8.45 16.93 13.56
C GLY A 29 -9.37 17.78 14.40
N ALA A 30 -9.32 17.59 15.71
CA ALA A 30 -10.22 18.26 16.63
C ALA A 30 -9.94 19.74 16.80
N GLY A 31 -10.97 20.46 17.23
CA GLY A 31 -10.89 21.90 17.52
C GLY A 31 -11.74 22.83 16.68
N LEU A 32 -12.54 22.29 15.78
CA LEU A 32 -13.43 23.12 14.95
C LEU A 32 -14.52 23.75 15.81
N THR A 33 -14.68 25.05 15.69
CA THR A 33 -15.75 25.76 16.37
C THR A 33 -16.52 26.60 15.36
N LEU A 34 -17.80 26.82 15.64
CA LEU A 34 -18.66 27.73 14.92
C LEU A 34 -18.06 29.15 14.94
N SER A 35 -17.48 29.50 16.09
CA SER A 35 -16.78 30.76 16.30
C SER A 35 -15.69 31.00 15.23
N GLU A 36 -14.78 30.04 15.10
CA GLU A 36 -13.70 30.16 14.12
C GLU A 36 -14.21 30.09 12.67
N LEU A 37 -15.19 29.23 12.40
CA LEU A 37 -15.78 29.12 11.04
C LEU A 37 -16.34 30.48 10.60
N ALA A 38 -17.11 31.11 11.49
CA ALA A 38 -17.67 32.44 11.23
C ALA A 38 -16.57 33.45 10.97
N ALA A 39 -15.55 33.45 11.83
CA ALA A 39 -14.42 34.37 11.70
C ALA A 39 -13.66 34.17 10.38
N ARG A 40 -13.46 32.91 9.98
CA ARG A 40 -12.76 32.57 8.73
CA ARG A 40 -12.76 32.57 8.73
C ARG A 40 -13.60 32.84 7.49
N ALA A 41 -14.91 32.61 7.57
CA ALA A 41 -15.83 32.81 6.42
C ALA A 41 -16.25 34.25 6.20
N GLY A 42 -15.95 35.14 7.14
CA GLY A 42 -16.34 36.52 6.99
C GLY A 42 -17.79 36.81 7.28
N ILE A 43 -18.46 35.94 8.05
CA ILE A 43 -19.87 36.13 8.52
C ILE A 43 -19.92 36.14 10.06
N SER A 44 -21.05 36.53 10.63
CA SER A 44 -21.22 36.53 12.10
C SER A 44 -21.70 35.16 12.59
N GLN A 45 -21.53 34.90 13.89
CA GLN A 45 -22.01 33.64 14.52
C GLN A 45 -23.54 33.49 14.36
N ALA A 46 -24.25 34.61 14.47
CA ALA A 46 -25.70 34.66 14.24
C ALA A 46 -26.05 34.33 12.78
N ASN A 47 -25.29 34.87 11.83
CA ASN A 47 -25.52 34.61 10.40
C ASN A 47 -25.17 33.16 10.04
N LEU A 48 -24.12 32.64 10.70
CA LEU A 48 -23.70 31.25 10.52
C LEU A 48 -24.78 30.25 10.96
N SER A 49 -25.52 30.58 12.01
CA SER A 49 -26.63 29.74 12.48
C SER A 49 -27.78 29.59 11.48
N ARG A 50 -27.85 30.45 10.45
CA ARG A 50 -28.81 30.31 9.33
C ARG A 50 -28.46 29.11 8.44
N TYR A 51 -27.19 28.71 8.43
CA TYR A 51 -26.71 27.57 7.65
C TYR A 51 -26.56 26.30 8.51
N PHE A 52 -26.17 26.46 9.78
CA PHE A 52 -25.97 25.35 10.72
C PHE A 52 -26.69 25.70 12.01
N GLU A 53 -27.89 25.17 12.16
CA GLU A 53 -28.73 25.48 13.34
C GLU A 53 -28.09 25.10 14.67
N THR A 54 -27.37 23.98 14.66
CA THR A 54 -26.68 23.46 15.83
C THR A 54 -25.24 23.15 15.46
N ARG A 55 -24.40 23.05 16.48
CA ARG A 55 -23.02 22.59 16.26
C ARG A 55 -23.05 21.19 15.64
N GLU A 56 -23.95 20.34 16.11
CA GLU A 56 -24.06 18.99 15.59
C GLU A 56 -24.33 18.96 14.07
N ASP A 57 -25.17 19.87 13.58
CA ASP A 57 -25.42 19.98 12.14
C ASP A 57 -24.15 20.29 11.38
N LEU A 58 -23.31 21.18 11.90
CA LEU A 58 -22.01 21.46 11.29
C LEU A 58 -21.15 20.18 11.27
N GLU A 60 -22.18 17.08 11.35
CA GLU A 60 -22.79 16.16 10.37
CA GLU A 60 -22.77 16.15 10.36
C GLU A 60 -22.41 16.56 8.93
N ALA A 61 -22.46 17.86 8.65
CA ALA A 61 -22.15 18.39 7.34
C ALA A 61 -20.72 18.08 6.92
N ILE A 62 -19.75 18.32 7.82
CA ILE A 62 -18.35 18.05 7.52
CA ILE A 62 -18.35 18.04 7.47
C ILE A 62 -18.11 16.55 7.27
N ALA A 63 -18.78 15.70 8.05
CA ALA A 63 -18.68 14.23 7.88
C ALA A 63 -19.22 13.84 6.50
N ASP A 64 -20.44 14.28 6.19
CA ASP A 64 -21.07 14.00 4.87
C ASP A 64 -20.29 14.53 3.65
N TYR A 65 -19.66 15.69 3.81
CA TYR A 65 -18.84 16.29 2.74
C TYR A 65 -17.41 15.77 2.66
N TRP A 66 -16.91 15.04 3.67
CA TRP A 66 -15.49 14.68 3.75
C TRP A 66 -14.90 14.11 2.46
N PHE A 67 -15.57 13.08 1.94
CA PHE A 67 -15.14 12.38 0.72
C PHE A 67 -15.89 12.85 -0.54
N HIS A 68 -16.81 13.82 -0.41
CA HIS A 68 -17.61 14.29 -1.53
C HIS A 68 -16.81 14.80 -2.75
N PRO A 69 -15.74 15.59 -2.51
CA PRO A 69 -14.86 16.00 -3.65
C PRO A 69 -14.33 14.82 -4.49
N VAL A 71 -15.84 11.79 -4.67
CA VAL A 71 -17.03 11.24 -5.33
C VAL A 71 -17.34 12.03 -6.59
N GLU A 72 -17.33 13.37 -6.51
CA GLU A 72 -17.54 14.21 -7.70
C GLU A 72 -16.58 13.91 -8.85
N ILE A 73 -15.31 13.75 -8.51
CA ILE A 73 -14.26 13.41 -9.49
C ILE A 73 -14.61 12.08 -10.18
N GLU A 75 -17.57 10.63 -10.43
CA GLU A 75 -18.80 10.84 -11.21
C GLU A 75 -18.53 11.54 -12.54
N ASP A 76 -17.65 12.54 -12.51
CA ASP A 76 -17.24 13.26 -13.73
C ASP A 76 -16.53 12.35 -14.71
N VAL A 77 -15.64 11.48 -14.21
CA VAL A 77 -14.93 10.54 -15.07
C VAL A 77 -15.91 9.57 -15.75
N LEU A 78 -16.79 8.97 -14.95
CA LEU A 78 -17.78 8.00 -15.49
C LEU A 78 -18.78 8.64 -16.47
N ALA A 79 -19.10 9.91 -16.26
CA ALA A 79 -20.01 10.64 -17.13
C ALA A 79 -19.35 11.10 -18.43
N SER A 80 -18.02 11.04 -18.52
CA SER A 80 -17.32 11.45 -19.73
C SER A 80 -17.49 10.43 -20.86
N ASP A 81 -17.07 10.85 -22.05
CA ASP A 81 -17.11 10.04 -23.28
C ASP A 81 -15.83 9.24 -23.51
N LEU A 82 -14.92 9.23 -22.54
CA LEU A 82 -13.64 8.55 -22.67
C LEU A 82 -13.82 7.03 -22.78
N PRO A 83 -12.95 6.37 -23.56
CA PRO A 83 -13.03 4.91 -23.63
C PRO A 83 -12.60 4.29 -22.28
N PRO A 84 -12.99 3.02 -22.01
CA PRO A 84 -12.67 2.39 -20.71
C PRO A 84 -11.25 2.49 -20.18
N ARG A 85 -10.25 2.37 -21.05
CA ARG A 85 -8.85 2.45 -20.59
C ARG A 85 -8.51 3.85 -20.08
N ARG A 86 -8.97 4.86 -20.81
CA ARG A 86 -8.80 6.26 -20.41
C ARG A 86 -9.55 6.52 -19.11
N LYS A 87 -10.81 6.07 -19.04
CA LYS A 87 -11.62 6.20 -17.81
C LYS A 87 -10.94 5.62 -16.58
N TYR A 89 -7.78 5.10 -16.09
CA TYR A 89 -6.62 5.91 -15.74
C TYR A 89 -7.07 7.17 -14.98
N GLU A 90 -8.02 7.90 -15.54
CA GLU A 90 -8.50 9.16 -14.94
C GLU A 90 -9.19 8.92 -13.60
N PHE A 91 -9.91 7.79 -13.50
CA PHE A 91 -10.62 7.36 -12.27
C PHE A 91 -9.66 7.35 -11.07
N PHE A 92 -8.44 6.84 -11.27
CA PHE A 92 -7.42 6.86 -10.24
C PHE A 92 -6.58 8.14 -10.25
N ALA A 93 -6.11 8.54 -11.44
CA ALA A 93 -5.21 9.67 -11.57
C ALA A 93 -5.74 10.98 -11.00
N ARG A 94 -6.98 11.36 -11.33
CA ARG A 94 -7.53 12.64 -10.89
C ARG A 94 -7.60 12.78 -9.37
N ARG A 95 -7.91 11.67 -8.69
CA ARG A 95 -7.93 11.65 -7.22
C ARG A 95 -6.51 11.71 -6.68
N PHE A 96 -5.60 10.92 -7.27
CA PHE A 96 -4.18 10.89 -6.89
C PHE A 96 -3.57 12.31 -6.93
N VAL A 97 -3.80 13.02 -8.02
CA VAL A 97 -3.30 14.40 -8.22
C VAL A 97 -3.73 15.34 -7.10
N VAL A 98 -4.99 15.25 -6.67
CA VAL A 98 -5.50 16.09 -5.56
C VAL A 98 -4.84 15.77 -4.23
N ARG A 100 -1.89 14.13 -3.81
CA ARG A 100 -0.47 14.51 -3.90
C ARG A 100 -0.27 16.01 -3.66
N ARG A 101 -1.15 16.84 -4.24
CA ARG A 101 -1.10 18.29 -4.03
C ARG A 101 -1.22 18.65 -2.54
N LYS A 102 -2.16 18.00 -1.86
CA LYS A 102 -2.32 18.17 -0.42
C LYS A 102 -1.02 17.81 0.35
N TRP A 103 -0.42 16.69 -0.02
CA TRP A 103 0.82 16.19 0.59
C TRP A 103 2.00 17.14 0.28
N GLU A 104 2.05 17.65 -0.95
CA GLU A 104 3.10 18.60 -1.37
C GLU A 104 3.04 19.90 -0.55
N ALA A 105 1.84 20.41 -0.33
CA ALA A 105 1.63 21.59 0.51
C ALA A 105 1.93 21.30 1.99
N ASP A 106 1.48 20.16 2.51
CA ASP A 106 1.70 19.80 3.91
C ASP A 106 1.39 18.32 4.12
N PRO A 107 2.41 17.48 4.29
CA PRO A 107 2.15 16.06 4.56
C PRO A 107 1.24 15.75 5.78
N VAL A 108 1.30 16.63 6.79
CA VAL A 108 0.46 16.48 7.99
C VAL A 108 -1.03 16.67 7.65
N LYS A 109 -1.34 17.53 6.66
CA LYS A 109 -2.75 17.71 6.21
C LYS A 109 -3.29 16.46 5.55
N LEU A 110 -2.46 15.72 4.79
CA LEU A 110 -2.88 14.44 4.20
C LEU A 110 -3.09 13.42 5.34
N GLN A 111 -2.16 13.35 6.29
CA GLN A 111 -2.30 12.48 7.49
C GLN A 111 -3.65 12.76 8.15
N THR A 112 -3.92 14.03 8.43
CA THR A 112 -5.18 14.43 9.08
C THR A 112 -6.42 14.06 8.25
N TYR A 113 -6.35 14.31 6.94
CA TYR A 113 -7.41 13.93 6.03
C TYR A 113 -7.73 12.43 6.13
N ILE A 114 -6.70 11.59 6.15
CA ILE A 114 -6.91 10.14 6.25
C ILE A 114 -7.49 9.74 7.61
N GLU A 115 -6.89 10.27 8.68
CA GLU A 115 -7.28 9.95 10.06
CA GLU A 115 -7.30 9.91 10.04
C GLU A 115 -8.72 10.36 10.35
N VAL A 116 -9.06 11.58 10.00
CA VAL A 116 -10.42 12.07 10.22
C VAL A 116 -11.41 11.26 9.38
N GLY A 117 -11.10 11.05 8.11
CA GLY A 117 -11.96 10.29 7.20
C GLY A 117 -12.30 8.91 7.70
N ASN A 118 -11.30 8.20 8.21
CA ASN A 118 -11.50 6.87 8.80
C ASN A 118 -12.40 6.81 10.02
N ASP A 119 -12.54 7.91 10.76
CA ASP A 119 -13.45 7.97 11.93
C ASP A 119 -14.91 8.15 11.53
N TYR A 120 -15.16 8.53 10.28
CA TYR A 120 -16.52 8.70 9.76
C TYR A 120 -16.96 7.35 9.15
N PHE A 121 -17.46 6.46 10.02
CA PHE A 121 -17.86 5.08 9.65
C PHE A 121 -18.72 4.94 8.43
N GLU A 122 -19.92 5.50 8.47
CA GLU A 122 -20.85 5.38 7.36
C GLU A 122 -20.26 5.94 6.08
N GLN A 123 -19.64 7.13 6.18
CA GLN A 123 -19.10 7.83 5.02
C GLN A 123 -17.91 7.15 4.33
N VAL A 124 -16.91 6.75 5.08
CA VAL A 124 -15.74 6.07 4.49
C VAL A 124 -16.13 4.71 3.86
N ARG A 125 -17.01 3.97 4.53
CA ARG A 125 -17.48 2.71 3.98
C ARG A 125 -18.31 2.90 2.72
N SER A 126 -19.19 3.90 2.75
CA SER A 126 -19.98 4.24 1.58
C SER A 126 -19.09 4.63 0.41
N TYR A 127 -18.10 5.50 0.67
CA TYR A 127 -17.16 5.93 -0.34
C TYR A 127 -16.41 4.78 -1.00
N ILE A 128 -15.83 3.91 -0.16
CA ILE A 128 -15.06 2.77 -0.67
C ILE A 128 -15.95 1.84 -1.52
N ASP A 129 -17.17 1.62 -1.03
CA ASP A 129 -18.14 0.79 -1.74
C ASP A 129 -18.57 1.43 -3.07
N LEU A 130 -18.81 2.75 -3.05
CA LEU A 130 -19.21 3.45 -4.25
C LEU A 130 -18.06 3.44 -5.27
N ALA A 131 -16.82 3.60 -4.79
CA ALA A 131 -15.64 3.56 -5.66
C ALA A 131 -15.58 2.24 -6.40
N ASP A 132 -15.78 1.15 -5.68
CA ASP A 132 -15.82 -0.18 -6.28
C ASP A 132 -16.95 -0.35 -7.29
N HIS A 133 -18.10 0.25 -6.99
CA HIS A 133 -19.24 0.22 -7.89
C HIS A 133 -18.89 0.88 -9.23
N TYR A 134 -18.32 2.09 -9.14
CA TYR A 134 -17.88 2.82 -10.33
C TYR A 134 -16.74 2.12 -11.08
N LEU A 135 -15.80 1.50 -10.36
CA LEU A 135 -14.72 0.73 -11.00
C LEU A 135 -15.35 -0.44 -11.79
N GLY A 136 -16.35 -1.08 -11.18
CA GLY A 136 -17.10 -2.17 -11.86
C GLY A 136 -17.77 -1.75 -13.16
N GLU A 137 -18.32 -0.52 -13.18
CA GLU A 137 -18.94 0.03 -14.40
C GLU A 137 -17.90 0.17 -15.51
N ILE A 138 -16.70 0.62 -15.16
CA ILE A 138 -15.60 0.75 -16.12
C ILE A 138 -15.19 -0.62 -16.66
N ILE A 139 -14.97 -1.56 -15.74
CA ILE A 139 -14.57 -2.93 -16.07
C ILE A 139 -15.62 -3.62 -16.95
N GLY A 140 -16.91 -3.45 -16.64
CA GLY A 140 -17.99 -4.00 -17.45
C GLY A 140 -17.95 -3.54 -18.89
N GLU A 141 -17.71 -2.25 -19.11
CA GLU A 141 -17.61 -1.71 -20.49
C GLU A 141 -16.36 -2.25 -21.17
N ALA A 142 -15.22 -2.26 -20.45
CA ALA A 142 -13.96 -2.84 -20.95
C ALA A 142 -14.15 -4.29 -21.42
N SER A 144 -17.01 -5.71 -22.49
CA SER A 144 -17.76 -5.73 -23.75
C SER A 144 -16.84 -5.42 -24.96
N ASP A 145 -15.75 -4.69 -24.73
CA ASP A 145 -14.72 -4.41 -25.74
C ASP A 145 -13.70 -5.55 -25.90
N GLY A 146 -13.76 -6.60 -25.08
CA GLY A 146 -12.86 -7.75 -25.14
C GLY A 146 -11.74 -7.84 -24.14
N ALA A 147 -11.64 -6.89 -23.21
CA ALA A 147 -10.62 -6.90 -22.17
C ALA A 147 -11.05 -7.89 -21.06
N PHE A 148 -10.07 -8.33 -20.28
CA PHE A 148 -10.28 -9.19 -19.08
C PHE A 148 -11.03 -10.47 -19.37
N SER A 149 -10.69 -11.10 -20.50
CA SER A 149 -11.37 -12.31 -20.96
CA SER A 149 -11.39 -12.31 -20.96
C SER A 149 -11.36 -13.42 -19.91
N GLY A 150 -12.52 -14.00 -19.65
CA GLY A 150 -12.63 -15.10 -18.69
C GLY A 150 -12.82 -14.72 -17.24
N LEU A 151 -12.61 -13.46 -16.89
CA LEU A 151 -12.75 -12.99 -15.50
C LEU A 151 -14.15 -12.44 -15.25
N GLU A 152 -14.60 -12.54 -14.00
CA GLU A 152 -15.86 -11.91 -13.54
C GLU A 152 -15.51 -10.47 -13.16
N VAL A 153 -16.51 -9.59 -13.14
CA VAL A 153 -16.29 -8.17 -12.78
C VAL A 153 -15.78 -8.04 -11.34
N ASP A 154 -16.40 -8.77 -10.39
CA ASP A 154 -16.00 -8.71 -8.97
CA ASP A 154 -15.99 -8.66 -8.98
C ASP A 154 -14.53 -9.07 -8.75
N GLU A 155 -14.07 -10.16 -9.36
CA GLU A 155 -12.65 -10.56 -9.19
C GLU A 155 -11.72 -9.56 -9.87
N THR A 156 -12.17 -8.94 -10.98
CA THR A 156 -11.37 -7.94 -11.69
C THR A 156 -11.24 -6.66 -10.85
N ILE A 157 -12.35 -6.25 -10.22
CA ILE A 157 -12.31 -5.10 -9.30
C ILE A 157 -11.23 -5.35 -8.23
N SER A 158 -11.21 -6.52 -7.65
CA SER A 158 -10.22 -6.86 -6.62
C SER A 158 -8.79 -6.84 -7.18
N LEU A 159 -8.60 -7.48 -8.33
CA LEU A 159 -7.27 -7.51 -9.00
C LEU A 159 -6.77 -6.11 -9.31
N VAL A 160 -7.63 -5.25 -9.87
CA VAL A 160 -7.26 -3.87 -10.20
C VAL A 160 -6.95 -3.06 -8.93
N ASN A 161 -7.78 -3.20 -7.90
CA ASN A 161 -7.50 -2.53 -6.60
C ASN A 161 -6.14 -2.98 -6.03
N GLN A 162 -5.81 -4.25 -6.24
CA GLN A 162 -4.53 -4.78 -5.73
C GLN A 162 -3.31 -4.37 -6.55
N CYS A 164 -3.29 -1.36 -8.32
CA CYS A 164 -3.26 0.11 -8.30
C CYS A 164 -3.26 0.71 -6.89
N ALA A 165 -3.03 -0.14 -5.91
CA ALA A 165 -3.13 0.23 -4.50
C ALA A 165 -2.40 1.54 -4.12
N PRO A 166 -1.13 1.73 -4.55
CA PRO A 166 -0.42 2.97 -4.21
C PRO A 166 -1.04 4.23 -4.78
N TYR A 167 -1.84 4.12 -5.84
CA TYR A 167 -2.52 5.27 -6.47
C TYR A 167 -3.96 5.42 -6.02
N CYS A 168 -4.39 4.66 -4.99
CA CYS A 168 -5.76 4.69 -4.53
CA CYS A 168 -5.77 4.77 -4.51
C CYS A 168 -5.89 4.59 -3.00
N ALA A 169 -5.39 3.48 -2.42
CA ALA A 169 -5.44 3.27 -0.96
C ALA A 169 -4.54 4.34 -0.30
N LEU A 170 -5.13 5.25 0.47
CA LEU A 170 -4.38 6.41 0.97
C LEU A 170 -3.20 6.12 1.88
N ASN A 171 -3.25 5.04 2.67
CA ASN A 171 -2.11 4.67 3.53
C ASN A 171 -0.92 4.13 2.70
N THR A 172 -1.26 3.36 1.66
CA THR A 172 -0.26 2.85 0.70
C THR A 172 0.33 4.01 -0.09
N THR A 174 0.62 7.07 0.84
CA THR A 174 1.48 7.79 1.76
C THR A 174 2.85 7.14 1.84
N THR A 175 2.88 5.82 2.03
CA THR A 175 4.13 5.05 2.06
C THR A 175 4.99 5.21 0.77
N PHE A 176 4.36 5.11 -0.39
CA PHE A 176 5.02 5.16 -1.69
C PHE A 176 5.19 6.54 -2.32
N GLU A 178 6.80 9.41 -2.62
CA GLU A 178 7.97 9.96 -3.34
C GLU A 178 8.25 9.28 -4.68
N ARG A 179 7.85 8.02 -4.80
CA ARG A 179 8.11 7.18 -5.99
C ARG A 179 6.94 7.08 -6.96
N LEU A 180 5.83 7.76 -6.67
CA LEU A 180 4.63 7.72 -7.49
C LEU A 180 4.67 8.77 -8.56
N SER A 181 4.02 8.48 -9.68
CA SER A 181 3.88 9.47 -10.77
C SER A 181 2.76 9.08 -11.71
N GLU A 182 2.29 10.07 -12.44
CA GLU A 182 1.29 9.86 -13.50
C GLU A 182 1.85 8.94 -14.59
N ASP A 183 3.14 9.09 -14.91
CA ASP A 183 3.81 8.22 -15.89
C ASP A 183 3.72 6.76 -15.48
N LYS A 184 3.99 6.49 -14.20
CA LYS A 184 3.95 5.11 -13.69
C LYS A 184 2.54 4.54 -13.66
N LEU A 185 1.57 5.34 -13.23
CA LEU A 185 0.17 4.91 -13.21
C LEU A 185 -0.31 4.58 -14.63
N ALA A 186 0.12 5.38 -15.62
CA ALA A 186 -0.25 5.12 -17.01
C ALA A 186 0.28 3.73 -17.46
N ARG A 187 1.52 3.43 -17.10
CA ARG A 187 2.13 2.10 -17.37
C ARG A 187 1.31 0.98 -16.74
N ILE A 188 0.90 1.20 -15.48
CA ILE A 188 0.13 0.21 -14.73
C ILE A 188 -1.22 -0.08 -15.39
N VAL A 189 -1.95 0.97 -15.73
CA VAL A 189 -3.24 0.84 -16.40
C VAL A 189 -3.11 0.13 -17.75
N ASP A 190 -2.06 0.47 -18.52
CA ASP A 190 -1.81 -0.24 -19.78
C ASP A 190 -1.56 -1.73 -19.51
N ALA A 191 -0.79 -2.02 -18.46
CA ALA A 191 -0.47 -3.40 -18.06
C ALA A 191 -1.72 -4.17 -17.60
N VAL A 192 -2.59 -3.48 -16.88
CA VAL A 192 -3.89 -4.05 -16.46
C VAL A 192 -4.70 -4.45 -17.69
N PHE A 193 -4.88 -3.50 -18.61
CA PHE A 193 -5.67 -3.74 -19.82
C PHE A 193 -5.12 -4.78 -20.75
N ASP A 194 -3.82 -4.72 -21.00
CA ASP A 194 -3.18 -5.67 -21.91
C ASP A 194 -2.63 -6.93 -21.30
N GLY A 195 -2.61 -7.04 -19.97
CA GLY A 195 -2.07 -8.20 -19.28
C GLY A 195 -2.98 -9.03 -18.40
N LEU A 196 -4.12 -8.47 -17.96
CA LEU A 196 -5.00 -9.17 -17.04
C LEU A 196 -6.06 -10.00 -17.76
N SER A 197 -6.09 -11.31 -17.47
CA SER A 197 -7.11 -12.23 -18.01
C SER A 197 -7.14 -13.51 -17.18
N ALA A 198 -8.12 -14.38 -17.44
CA ALA A 198 -8.28 -15.67 -16.76
C ALA A 198 -7.35 -16.76 -17.31
N GLN A 199 -6.64 -16.50 -18.40
CA GLN A 199 -5.72 -17.45 -19.00
C GLN A 199 -4.42 -17.51 -18.17
N ASP A 200 -4.16 -18.69 -17.61
CA ASP A 200 -2.91 -18.94 -16.87
C ASP A 200 -1.77 -18.82 -17.88
N ARG A 201 -0.79 -17.95 -17.59
CA ARG A 201 0.35 -17.72 -18.48
C ARG A 201 1.76 -18.00 -17.89
N GLY A 202 1.82 -18.82 -16.84
CA GLY A 202 3.09 -19.33 -16.32
C GLY A 202 3.62 -18.77 -15.02
N ALA A 203 2.91 -17.82 -14.38
CA ALA A 203 3.32 -17.32 -13.06
C ALA A 203 3.45 -18.49 -12.07
N ARG A 204 2.58 -19.50 -12.18
CA ARG A 204 2.60 -20.70 -11.32
CA ARG A 204 2.65 -20.69 -11.31
C ARG A 204 3.01 -22.01 -11.99
N SER A 205 3.06 -22.03 -13.32
CA SER A 205 3.45 -23.25 -14.07
C SER A 205 4.11 -22.92 -15.42
N GLY B 6 33.43 -23.25 16.08
CA GLY B 6 33.26 -23.95 14.77
C GLY B 6 31.81 -23.94 14.31
N THR B 7 31.31 -25.08 13.85
CA THR B 7 29.91 -25.24 13.41
C THR B 7 28.93 -25.32 14.59
N GLU B 8 29.37 -25.97 15.68
CA GLU B 8 28.56 -26.09 16.92
C GLU B 8 28.33 -24.73 17.60
N HIS B 9 29.40 -23.93 17.70
CA HIS B 9 29.36 -22.57 18.28
C HIS B 9 28.38 -21.66 17.53
N ASP B 10 28.37 -21.76 16.20
CA ASP B 10 27.47 -20.98 15.34
C ASP B 10 26.00 -21.40 15.46
N ALA B 11 25.74 -22.68 15.72
CA ALA B 11 24.37 -23.19 15.90
C ALA B 11 23.77 -22.66 17.22
N ARG B 13 24.85 -19.94 18.89
CA ARG B 13 24.73 -18.48 18.76
C ARG B 13 23.43 -18.09 18.07
N ALA B 14 23.08 -18.82 17.02
CA ALA B 14 21.81 -18.63 16.29
C ALA B 14 20.60 -19.00 17.17
N ARG B 15 20.76 -20.02 18.01
CA ARG B 15 19.73 -20.42 18.98
C ARG B 15 19.52 -19.32 20.01
N LEU B 16 20.62 -18.74 20.49
CA LEU B 16 20.57 -17.64 21.45
C LEU B 16 19.94 -16.38 20.85
N VAL B 17 20.27 -16.07 19.58
CA VAL B 17 19.65 -14.92 18.88
C VAL B 17 18.16 -15.12 18.72
N ASP B 18 17.73 -16.36 18.41
CA ASP B 18 16.29 -16.69 18.27
C ASP B 18 15.52 -16.53 19.60
N VAL B 19 16.10 -17.01 20.69
CA VAL B 19 15.50 -16.88 22.04
C VAL B 19 15.41 -15.38 22.39
N ALA B 20 16.52 -14.66 22.18
CA ALA B 20 16.57 -13.21 22.48
C ALA B 20 15.55 -12.43 21.64
N GLN B 21 15.39 -12.80 20.37
CA GLN B 21 14.40 -12.20 19.50
C GLN B 21 12.97 -12.37 20.04
N ALA B 22 12.64 -13.57 20.47
CA ALA B 22 11.34 -13.89 21.08
C ALA B 22 11.09 -13.04 22.32
N ILE B 23 12.11 -12.89 23.17
CA ILE B 23 11.99 -12.06 24.39
C ILE B 23 11.71 -10.59 24.00
N VAL B 24 12.47 -10.06 23.03
CA VAL B 24 12.28 -8.69 22.52
C VAL B 24 10.86 -8.49 21.97
N GLU B 25 10.34 -9.45 21.21
CA GLU B 25 8.97 -9.34 20.71
C GLU B 25 7.93 -9.27 21.83
N GLU B 26 8.15 -10.01 22.91
CA GLU B 26 7.21 -10.02 24.03
C GLU B 26 7.26 -8.76 24.90
N ARG B 27 8.47 -8.31 25.23
CA ARG B 27 8.70 -7.25 26.23
C ARG B 27 9.63 -6.10 25.83
N GLY B 28 10.16 -6.13 24.61
CA GLY B 28 11.18 -5.20 24.15
C GLY B 28 12.51 -5.57 24.80
N GLY B 29 13.57 -4.89 24.34
CA GLY B 29 14.87 -4.95 25.00
C GLY B 29 14.72 -4.58 26.48
N ALA B 30 13.77 -3.69 26.79
CA ALA B 30 13.44 -3.35 28.18
C ALA B 30 13.24 -4.58 29.11
N GLY B 31 12.75 -5.70 28.58
CA GLY B 31 12.58 -6.97 29.34
C GLY B 31 13.60 -8.09 29.04
N LEU B 32 14.64 -7.81 28.24
CA LEU B 32 15.64 -8.82 27.87
C LEU B 32 16.70 -8.95 28.95
N THR B 33 16.36 -9.72 30.00
CA THR B 33 17.27 -10.00 31.13
C THR B 33 18.37 -10.97 30.63
N LEU B 34 19.63 -10.51 30.54
CA LEU B 34 20.77 -11.31 29.99
C LEU B 34 21.04 -12.62 30.78
N SER B 35 20.74 -12.59 32.07
CA SER B 35 20.75 -13.76 32.94
C SER B 35 19.63 -14.70 32.49
N GLU B 36 18.47 -14.14 32.13
CA GLU B 36 17.33 -14.93 31.66
C GLU B 36 17.56 -15.54 30.27
N LEU B 37 18.30 -14.87 29.38
CA LEU B 37 18.63 -15.45 28.07
C LEU B 37 19.39 -16.77 28.28
N ALA B 38 20.40 -16.76 29.15
CA ALA B 38 21.14 -17.98 29.52
C ALA B 38 20.19 -18.99 30.19
N ALA B 39 19.36 -18.49 31.10
CA ALA B 39 18.36 -19.31 31.84
C ALA B 39 17.26 -19.91 30.95
N ARG B 40 16.83 -19.18 29.93
CA ARG B 40 15.77 -19.62 29.01
C ARG B 40 16.29 -20.44 27.82
N ALA B 41 17.63 -20.44 27.63
CA ALA B 41 18.31 -21.27 26.63
C ALA B 41 18.96 -22.49 27.29
N GLY B 42 18.94 -22.56 28.63
CA GLY B 42 19.51 -23.67 29.39
C GLY B 42 20.99 -23.64 29.74
N ILE B 43 21.74 -22.65 29.26
CA ILE B 43 23.21 -22.54 29.50
C ILE B 43 23.58 -21.56 30.64
N SER B 44 24.88 -21.52 30.96
CA SER B 44 25.44 -20.63 32.00
C SER B 44 25.67 -19.21 31.48
N GLN B 45 25.60 -18.22 32.39
CA GLN B 45 25.85 -16.79 32.07
C GLN B 45 27.28 -16.57 31.58
N ALA B 46 28.23 -17.28 32.18
CA ALA B 46 29.63 -17.25 31.76
C ALA B 46 29.73 -17.86 30.35
N ASN B 47 29.08 -19.02 30.16
CA ASN B 47 29.02 -19.70 28.85
C ASN B 47 28.32 -18.85 27.75
N LEU B 48 27.35 -18.02 28.15
CA LEU B 48 26.67 -17.07 27.24
C LEU B 48 27.63 -15.94 26.80
N SER B 49 28.57 -15.56 27.68
CA SER B 49 29.62 -14.54 27.37
C SER B 49 30.54 -14.93 26.21
N ARG B 50 30.68 -16.23 25.97
CA ARG B 50 31.44 -16.75 24.82
C ARG B 50 30.81 -16.42 23.45
N TYR B 51 29.50 -16.13 23.42
CA TYR B 51 28.76 -15.79 22.19
C TYR B 51 28.55 -14.29 21.98
N PHE B 52 28.34 -13.55 23.06
CA PHE B 52 28.14 -12.08 23.01
C PHE B 52 28.90 -11.46 24.17
N GLU B 53 29.83 -10.55 23.87
CA GLU B 53 30.64 -9.90 24.90
C GLU B 53 29.78 -8.97 25.75
N THR B 54 28.98 -8.16 25.07
CA THR B 54 28.11 -7.17 25.66
C THR B 54 26.68 -7.28 25.16
N ARG B 55 25.79 -6.54 25.80
CA ARG B 55 24.39 -6.48 25.40
CA ARG B 55 24.38 -6.52 25.38
C ARG B 55 24.26 -5.88 24.00
N GLU B 56 25.07 -4.85 23.72
CA GLU B 56 25.09 -4.18 22.38
C GLU B 56 25.34 -5.19 21.25
N ASP B 57 26.27 -6.12 21.48
CA ASP B 57 26.55 -7.20 20.52
C ASP B 57 25.32 -8.09 20.29
N LEU B 58 24.60 -8.41 21.37
CA LEU B 58 23.37 -9.21 21.26
C LEU B 58 22.28 -8.47 20.47
N GLU B 60 22.55 -6.02 18.30
CA GLU B 60 22.94 -5.94 16.89
C GLU B 60 22.72 -7.27 16.15
N ALA B 61 23.01 -8.39 16.82
CA ALA B 61 22.77 -9.74 16.26
C ALA B 61 21.28 -9.97 16.01
N ILE B 62 20.45 -9.56 16.97
CA ILE B 62 18.98 -9.66 16.85
C ILE B 62 18.47 -8.85 15.62
N ALA B 63 18.93 -7.60 15.51
CA ALA B 63 18.56 -6.71 14.40
C ALA B 63 19.07 -7.24 13.06
N ASP B 64 20.34 -7.66 13.02
CA ASP B 64 20.97 -8.18 11.79
C ASP B 64 20.36 -9.47 11.26
N TYR B 65 19.81 -10.30 12.15
CA TYR B 65 19.13 -11.53 11.75
C TYR B 65 17.63 -11.37 11.58
N TRP B 66 17.05 -10.22 11.92
CA TRP B 66 15.59 -10.04 11.92
C TRP B 66 14.90 -10.42 10.59
N PHE B 67 15.47 -9.94 9.49
CA PHE B 67 14.95 -10.19 8.14
C PHE B 67 15.58 -11.37 7.43
N HIS B 68 16.47 -12.11 8.11
CA HIS B 68 17.15 -13.22 7.48
C HIS B 68 16.24 -14.29 6.89
N PRO B 69 15.15 -14.70 7.60
CA PRO B 69 14.22 -15.65 6.97
C PRO B 69 13.74 -15.20 5.57
N VAL B 71 15.41 -13.07 3.55
CA VAL B 71 16.59 -13.08 2.69
C VAL B 71 16.84 -14.48 2.15
N GLU B 72 16.79 -15.48 3.04
CA GLU B 72 16.93 -16.89 2.64
C GLU B 72 15.98 -17.32 1.56
N ILE B 73 14.72 -16.91 1.68
CA ILE B 73 13.68 -17.20 0.69
C ILE B 73 14.05 -16.58 -0.67
N GLU B 75 17.03 -15.61 -1.76
CA GLU B 75 18.22 -16.29 -2.27
C GLU B 75 17.88 -17.66 -2.87
N ASP B 76 16.99 -18.40 -2.22
CA ASP B 76 16.54 -19.70 -2.74
C ASP B 76 15.87 -19.55 -4.11
N VAL B 77 14.98 -18.55 -4.24
CA VAL B 77 14.29 -18.31 -5.51
C VAL B 77 15.29 -17.94 -6.62
N LEU B 78 16.18 -16.99 -6.35
CA LEU B 78 17.20 -16.54 -7.31
CA LEU B 78 17.17 -16.56 -7.35
C LEU B 78 18.17 -17.67 -7.72
N ALA B 79 18.50 -18.52 -6.76
CA ALA B 79 19.41 -19.66 -6.99
C ALA B 79 18.74 -20.77 -7.83
N SER B 80 17.41 -20.79 -7.90
CA SER B 80 16.68 -21.82 -8.66
C SER B 80 16.85 -21.69 -10.18
N ASP B 81 16.44 -22.74 -10.88
CA ASP B 81 16.48 -22.79 -12.35
CA ASP B 81 16.47 -22.82 -12.35
C ASP B 81 15.12 -22.38 -12.95
N LEU B 82 14.24 -21.78 -12.13
CA LEU B 82 12.94 -21.35 -12.60
C LEU B 82 13.05 -20.23 -13.63
N PRO B 83 12.16 -20.22 -14.64
CA PRO B 83 12.14 -19.06 -15.56
C PRO B 83 11.76 -17.78 -14.82
N PRO B 84 12.12 -16.58 -15.38
CA PRO B 84 11.87 -15.31 -14.68
C PRO B 84 10.45 -15.04 -14.19
N ARG B 85 9.44 -15.45 -14.96
CA ARG B 85 8.05 -15.25 -14.56
C ARG B 85 7.73 -16.05 -13.30
N ARG B 86 8.18 -17.30 -13.27
CA ARG B 86 8.04 -18.18 -12.10
C ARG B 86 8.85 -17.61 -10.92
N LYS B 87 10.07 -17.14 -11.18
CA LYS B 87 10.87 -16.50 -10.11
C LYS B 87 10.19 -15.29 -9.52
N TYR B 89 6.94 -14.54 -9.42
CA TYR B 89 5.85 -15.06 -8.59
C TYR B 89 6.33 -15.59 -7.22
N GLU B 90 7.30 -16.49 -7.26
CA GLU B 90 7.84 -17.13 -6.03
C GLU B 90 8.51 -16.14 -5.09
N PHE B 91 9.20 -15.15 -5.67
CA PHE B 91 9.88 -14.07 -4.96
C PHE B 91 8.90 -13.33 -4.04
N PHE B 92 7.70 -13.04 -4.54
CA PHE B 92 6.66 -12.44 -3.73
C PHE B 92 5.86 -13.44 -2.91
N ALA B 93 5.40 -14.52 -3.55
CA ALA B 93 4.50 -15.50 -2.90
C ALA B 93 5.05 -16.19 -1.66
N ARG B 94 6.30 -16.64 -1.72
CA ARG B 94 6.90 -17.38 -0.60
C ARG B 94 7.02 -16.52 0.68
N ARG B 95 7.34 -15.24 0.51
CA ARG B 95 7.38 -14.29 1.62
C ARG B 95 5.98 -13.99 2.10
N PHE B 96 5.07 -13.69 1.16
CA PHE B 96 3.63 -13.49 1.49
C PHE B 96 3.07 -14.62 2.35
N VAL B 97 3.32 -15.85 1.94
CA VAL B 97 2.80 -17.04 2.64
C VAL B 97 3.25 -17.08 4.13
N VAL B 98 4.49 -16.71 4.41
CA VAL B 98 5.05 -16.74 5.79
C VAL B 98 4.38 -15.64 6.62
N ARG B 100 1.35 -14.16 6.00
CA ARG B 100 -0.04 -14.59 6.21
C ARG B 100 -0.15 -15.63 7.33
N ARG B 101 0.80 -16.55 7.39
CA ARG B 101 0.82 -17.58 8.44
C ARG B 101 0.88 -16.94 9.83
N LYS B 102 1.71 -15.91 10.00
CA LYS B 102 1.80 -15.17 11.28
C LYS B 102 0.44 -14.58 11.63
N TRP B 103 -0.14 -13.88 10.65
CA TRP B 103 -1.46 -13.23 10.81
C TRP B 103 -2.58 -14.23 11.15
N GLU B 104 -2.54 -15.39 10.51
CA GLU B 104 -3.48 -16.50 10.78
C GLU B 104 -3.37 -17.03 12.22
N ALA B 105 -2.14 -17.13 12.73
CA ALA B 105 -1.90 -17.49 14.14
C ALA B 105 -2.51 -16.41 15.03
N ASP B 106 -2.20 -15.15 14.77
CA ASP B 106 -2.78 -14.02 15.51
C ASP B 106 -2.42 -12.75 14.75
N PRO B 107 -3.44 -11.94 14.36
CA PRO B 107 -3.13 -10.65 13.71
C PRO B 107 -2.14 -9.79 14.51
N VAL B 108 -2.16 -9.88 15.86
CA VAL B 108 -1.23 -9.14 16.72
CA VAL B 108 -1.22 -9.11 16.69
C VAL B 108 0.24 -9.57 16.45
N LYS B 109 0.44 -10.86 16.11
CA LYS B 109 1.80 -11.40 15.80
C LYS B 109 2.41 -10.67 14.60
N LEU B 110 1.61 -10.49 13.56
CA LEU B 110 2.06 -9.75 12.39
C LEU B 110 2.32 -8.29 12.74
N GLN B 111 1.41 -7.66 13.48
CA GLN B 111 1.60 -6.24 13.83
C GLN B 111 2.87 -6.03 14.68
N THR B 112 3.11 -6.95 15.60
CA THR B 112 4.32 -6.91 16.44
C THR B 112 5.57 -7.03 15.57
N TYR B 113 5.56 -7.97 14.63
CA TYR B 113 6.67 -8.16 13.70
C TYR B 113 6.95 -6.86 12.94
N ILE B 114 5.88 -6.21 12.46
CA ILE B 114 6.03 -4.93 11.75
C ILE B 114 6.64 -3.82 12.63
N GLU B 115 6.08 -3.64 13.81
CA GLU B 115 6.50 -2.57 14.72
C GLU B 115 7.93 -2.75 15.23
N VAL B 116 8.30 -3.97 15.62
CA VAL B 116 9.67 -4.28 16.10
C VAL B 116 10.67 -4.02 14.96
N GLY B 117 10.36 -4.57 13.78
CA GLY B 117 11.17 -4.33 12.58
C GLY B 117 11.32 -2.88 12.18
N ASN B 118 10.24 -2.09 12.29
CA ASN B 118 10.30 -0.66 12.00
C ASN B 118 11.32 0.11 12.85
N ASP B 119 11.57 -0.34 14.07
CA ASP B 119 12.62 0.25 14.91
C ASP B 119 14.03 0.02 14.34
N TYR B 120 14.24 -1.10 13.64
CA TYR B 120 15.54 -1.47 13.08
C TYR B 120 15.66 -0.80 11.72
N PHE B 121 15.66 0.53 11.74
CA PHE B 121 15.56 1.33 10.50
C PHE B 121 16.65 1.01 9.48
N GLU B 122 17.88 0.80 9.95
CA GLU B 122 18.98 0.46 9.05
C GLU B 122 18.81 -0.93 8.43
N GLN B 123 18.33 -1.87 9.25
CA GLN B 123 18.10 -3.25 8.78
C GLN B 123 16.93 -3.30 7.82
N VAL B 124 15.87 -2.51 8.07
CA VAL B 124 14.72 -2.39 7.15
CA VAL B 124 14.75 -2.48 7.13
C VAL B 124 15.23 -1.87 5.80
N ARG B 125 16.00 -0.78 5.87
CA ARG B 125 16.57 -0.14 4.65
C ARG B 125 17.42 -1.13 3.83
N SER B 126 18.30 -1.84 4.53
CA SER B 126 19.19 -2.84 3.94
C SER B 126 18.42 -3.96 3.25
N TYR B 127 17.40 -4.46 3.95
CA TYR B 127 16.52 -5.50 3.44
C TYR B 127 15.81 -5.08 2.17
N ILE B 128 15.19 -3.89 2.19
CA ILE B 128 14.50 -3.33 1.01
C ILE B 128 15.49 -3.18 -0.16
N ASP B 129 16.69 -2.72 0.16
CA ASP B 129 17.71 -2.52 -0.85
C ASP B 129 18.13 -3.85 -1.49
N LEU B 130 18.32 -4.87 -0.64
CA LEU B 130 18.67 -6.21 -1.10
C LEU B 130 17.51 -6.80 -1.92
N ALA B 131 16.29 -6.59 -1.46
CA ALA B 131 15.10 -7.06 -2.17
C ALA B 131 15.04 -6.46 -3.57
N ASP B 132 15.28 -5.16 -3.67
CA ASP B 132 15.31 -4.48 -4.97
C ASP B 132 16.44 -5.01 -5.85
N HIS B 133 17.58 -5.35 -5.24
CA HIS B 133 18.70 -5.93 -5.98
C HIS B 133 18.25 -7.25 -6.65
N TYR B 134 17.65 -8.13 -5.85
CA TYR B 134 17.22 -9.43 -6.33
C TYR B 134 16.07 -9.35 -7.33
N LEU B 135 15.11 -8.45 -7.08
CA LEU B 135 14.04 -8.23 -8.07
C LEU B 135 14.65 -7.69 -9.38
N GLY B 136 15.62 -6.79 -9.26
CA GLY B 136 16.37 -6.30 -10.41
C GLY B 136 16.99 -7.42 -11.23
N GLU B 137 17.56 -8.43 -10.56
CA GLU B 137 18.14 -9.59 -11.25
C GLU B 137 17.09 -10.42 -12.02
N ILE B 138 15.92 -10.61 -11.41
CA ILE B 138 14.79 -11.28 -12.07
C ILE B 138 14.37 -10.50 -13.32
N ILE B 139 14.22 -9.17 -13.16
CA ILE B 139 13.84 -8.26 -14.24
C ILE B 139 14.88 -8.29 -15.36
N GLY B 140 16.16 -8.23 -15.01
CA GLY B 140 17.22 -8.30 -16.02
C GLY B 140 17.14 -9.56 -16.88
N GLU B 141 16.89 -10.70 -16.23
CA GLU B 141 16.75 -11.98 -16.95
C GLU B 141 15.50 -11.97 -17.83
N ALA B 142 14.40 -11.45 -17.29
CA ALA B 142 13.14 -11.30 -18.06
C ALA B 142 13.36 -10.41 -19.27
N SER B 144 16.20 -9.93 -20.88
CA SER B 144 16.98 -10.67 -21.87
CA SER B 144 16.97 -10.67 -21.88
C SER B 144 16.05 -11.55 -22.72
N ASP B 145 15.03 -12.15 -22.08
CA ASP B 145 14.03 -12.98 -22.78
C ASP B 145 13.07 -12.21 -23.68
N GLY B 146 12.97 -10.89 -23.51
CA GLY B 146 12.12 -10.01 -24.30
C GLY B 146 11.05 -9.26 -23.54
N ALA B 147 10.95 -9.45 -22.21
CA ALA B 147 9.93 -8.75 -21.42
C ALA B 147 10.34 -7.30 -21.17
N PHE B 148 9.36 -6.50 -20.77
CA PHE B 148 9.55 -5.11 -20.33
C PHE B 148 10.29 -4.24 -21.36
N SER B 149 9.92 -4.42 -22.62
CA SER B 149 10.60 -3.78 -23.75
C SER B 149 10.61 -2.25 -23.64
N GLY B 150 11.80 -1.67 -23.76
CA GLY B 150 11.97 -0.23 -23.69
C GLY B 150 12.07 0.36 -22.30
N LEU B 151 11.89 -0.44 -21.24
CA LEU B 151 11.99 0.06 -19.87
C LEU B 151 13.39 -0.20 -19.33
N GLU B 152 13.78 0.62 -18.35
CA GLU B 152 15.04 0.49 -17.61
C GLU B 152 14.75 -0.40 -16.39
N VAL B 153 15.81 -0.94 -15.80
CA VAL B 153 15.65 -1.85 -14.65
C VAL B 153 15.10 -1.13 -13.42
N ASP B 154 15.68 0.02 -13.08
CA ASP B 154 15.26 0.79 -11.90
CA ASP B 154 15.25 0.76 -11.88
C ASP B 154 13.76 1.15 -11.96
N GLU B 155 13.30 1.67 -13.09
CA GLU B 155 11.87 2.06 -13.23
C GLU B 155 10.96 0.81 -13.18
N THR B 156 11.44 -0.32 -13.72
CA THR B 156 10.68 -1.59 -13.70
C THR B 156 10.55 -2.17 -12.30
N ILE B 157 11.64 -2.09 -11.51
CA ILE B 157 11.59 -2.49 -10.10
C ILE B 157 10.49 -1.68 -9.36
N SER B 158 10.46 -0.37 -9.59
CA SER B 158 9.45 0.52 -8.98
C SER B 158 8.04 0.15 -9.45
N LEU B 159 7.86 -0.02 -10.76
CA LEU B 159 6.56 -0.43 -11.33
C LEU B 159 6.05 -1.77 -10.80
N VAL B 160 6.93 -2.77 -10.68
CA VAL B 160 6.55 -4.09 -10.15
C VAL B 160 6.18 -3.96 -8.66
N ASN B 161 7.00 -3.26 -7.89
CA ASN B 161 6.69 -3.03 -6.47
C ASN B 161 5.35 -2.32 -6.29
N GLN B 162 5.05 -1.38 -7.17
CA GLN B 162 3.79 -0.63 -7.12
C GLN B 162 2.56 -1.48 -7.51
N CYS B 164 2.49 -4.92 -7.07
CA CYS B 164 2.42 -6.07 -6.16
C CYS B 164 2.39 -5.62 -4.69
N ALA B 165 2.14 -4.33 -4.46
CA ALA B 165 2.25 -3.76 -3.11
C ALA B 165 1.52 -4.51 -1.98
N PRO B 166 0.24 -4.91 -2.18
CA PRO B 166 -0.45 -5.68 -1.12
C PRO B 166 0.20 -7.03 -0.77
N TYR B 167 1.03 -7.59 -1.65
CA TYR B 167 1.74 -8.87 -1.40
C TYR B 167 3.16 -8.69 -0.87
N CYS B 168 3.54 -7.44 -0.54
CA CYS B 168 4.88 -7.11 -0.09
CA CYS B 168 4.89 -7.18 0.00
C CYS B 168 4.95 -6.04 1.02
N ALA B 169 4.31 -4.88 0.78
CA ALA B 169 4.28 -3.75 1.75
C ALA B 169 3.41 -4.20 2.93
N LEU B 170 4.02 -4.41 4.09
CA LEU B 170 3.31 -5.09 5.20
C LEU B 170 2.09 -4.40 5.79
N ASN B 171 2.08 -3.06 5.78
CA ASN B 171 0.92 -2.33 6.27
C ASN B 171 -0.26 -2.44 5.28
N THR B 172 0.07 -2.40 3.99
CA THR B 172 -0.93 -2.61 2.92
C THR B 172 -1.41 -4.07 2.93
N THR B 174 -1.60 -5.99 5.50
CA THR B 174 -2.48 -6.10 6.67
C THR B 174 -3.90 -5.63 6.35
N THR B 175 -4.01 -4.48 5.73
CA THR B 175 -5.30 -3.87 5.34
C THR B 175 -6.08 -4.76 4.35
N PHE B 176 -5.37 -5.26 3.33
CA PHE B 176 -5.93 -6.09 2.26
C PHE B 176 -6.09 -7.57 2.59
N GLU B 178 -7.64 -10.15 4.03
CA GLU B 178 -8.79 -11.05 3.78
C GLU B 178 -9.04 -11.29 2.28
N ARG B 179 -8.64 -10.35 1.44
CA ARG B 179 -8.87 -10.38 -0.01
C ARG B 179 -7.66 -10.84 -0.85
N LEU B 180 -6.55 -11.12 -0.20
CA LEU B 180 -5.34 -11.57 -0.88
C LEU B 180 -5.36 -13.08 -1.09
N SER B 181 -4.68 -13.52 -2.15
CA SER B 181 -4.55 -14.94 -2.43
C SER B 181 -3.43 -15.19 -3.41
N GLU B 182 -2.92 -16.42 -3.40
CA GLU B 182 -1.91 -16.90 -4.37
C GLU B 182 -2.47 -16.82 -5.81
N ASP B 183 -3.75 -17.19 -5.99
CA ASP B 183 -4.41 -17.11 -7.31
C ASP B 183 -4.38 -15.69 -7.87
N LYS B 184 -4.67 -14.71 -7.02
CA LYS B 184 -4.69 -13.30 -7.43
C LYS B 184 -3.27 -12.81 -7.73
N LEU B 185 -2.31 -13.18 -6.91
CA LEU B 185 -0.92 -12.78 -7.14
C LEU B 185 -0.41 -13.38 -8.48
N ALA B 186 -0.78 -14.64 -8.76
CA ALA B 186 -0.42 -15.27 -10.05
C ALA B 186 -0.98 -14.46 -11.23
N ARG B 187 -2.23 -13.99 -11.11
CA ARG B 187 -2.83 -13.16 -12.17
C ARG B 187 -2.08 -11.83 -12.34
N ILE B 188 -1.65 -11.23 -11.23
CA ILE B 188 -0.90 -9.96 -11.25
C ILE B 188 0.45 -10.16 -11.94
N VAL B 189 1.18 -11.20 -11.56
CA VAL B 189 2.49 -11.47 -12.18
C VAL B 189 2.36 -11.73 -13.68
N ASP B 190 1.34 -12.49 -14.10
CA ASP B 190 1.09 -12.68 -15.54
C ASP B 190 0.81 -11.35 -16.25
N ALA B 191 0.04 -10.49 -15.60
CA ALA B 191 -0.29 -9.15 -16.13
C ALA B 191 0.97 -8.27 -16.22
N VAL B 192 1.83 -8.36 -15.22
CA VAL B 192 3.12 -7.64 -15.24
C VAL B 192 3.92 -8.09 -16.45
N PHE B 193 4.15 -9.40 -16.57
CA PHE B 193 4.94 -9.95 -17.69
C PHE B 193 4.38 -9.69 -19.07
N ASP B 194 3.08 -9.84 -19.23
CA ASP B 194 2.45 -9.66 -20.56
C ASP B 194 1.93 -8.29 -20.85
N GLY B 195 1.86 -7.41 -19.84
CA GLY B 195 1.31 -6.09 -19.98
C GLY B 195 2.22 -4.89 -19.83
N LEU B 196 3.35 -5.03 -19.15
CA LEU B 196 4.20 -3.88 -18.86
C LEU B 196 5.30 -3.67 -19.90
N SER B 197 5.37 -2.45 -20.45
CA SER B 197 6.42 -2.07 -21.38
C SER B 197 6.45 -0.55 -21.53
N ALA B 198 7.45 -0.03 -22.25
CA ALA B 198 7.58 1.40 -22.52
C ALA B 198 6.65 1.93 -23.62
N GLN B 199 5.91 1.06 -24.30
CA GLN B 199 5.01 1.48 -25.37
C GLN B 199 3.72 2.02 -24.75
N ASP B 200 3.39 3.28 -25.06
CA ASP B 200 2.14 3.92 -24.62
C ASP B 200 1.02 3.22 -25.36
N ARG B 201 0.02 2.73 -24.62
CA ARG B 201 -1.13 1.98 -25.18
C ARG B 201 -2.51 2.52 -24.89
N GLY B 202 -2.58 3.80 -24.53
CA GLY B 202 -3.84 4.50 -24.43
C GLY B 202 -4.36 4.89 -23.08
N ALA B 203 -3.65 4.58 -22.01
CA ALA B 203 -4.09 4.96 -20.68
C ALA B 203 -4.20 6.46 -20.51
N ARG B 204 -3.25 7.20 -21.07
CA ARG B 204 -3.21 8.67 -20.89
CA ARG B 204 -3.20 8.66 -20.85
C ARG B 204 -3.70 9.51 -22.05
N SER B 205 -3.65 8.99 -23.27
CA SER B 205 -4.19 9.76 -24.40
C SER B 205 -4.71 8.86 -25.52
N LEU B 206 -5.60 9.42 -26.33
CA LEU B 206 -6.22 8.71 -27.46
C LEU B 206 -5.20 8.21 -28.50
N THR B 207 -4.07 8.93 -28.61
CA THR B 207 -2.94 8.60 -29.51
C THR B 207 -2.40 7.17 -29.26
N GLY B 208 -2.30 6.79 -27.98
CA GLY B 208 -1.84 5.45 -27.59
C GLY B 208 -2.79 4.32 -27.97
N LEU B 209 -4.10 4.59 -27.98
CA LEU B 209 -5.13 3.58 -28.33
C LEU B 209 -5.09 3.21 -29.81
#